data_4H2E
#
_entry.id   4H2E
#
_cell.length_a   40.180
_cell.length_b   97.400
_cell.length_c   45.690
_cell.angle_alpha   90.00
_cell.angle_beta   111.99
_cell.angle_gamma   90.00
#
_symmetry.space_group_name_H-M   'P 1 21 1'
#
loop_
_entity.id
_entity.type
_entity.pdbx_description
1 polymer 'Matrix metalloproteinase-9'
2 non-polymer 'ZINC ION'
3 non-polymer 'CALCIUM ION'
4 non-polymer DI(HYDROXYETHYL)ETHER
5 non-polymer 'ACETATE ION'
6 non-polymer BICINE
7 non-polymer "N,N'-bis(4-{[(3R)-3-[(biphenyl-4-ylsulfonyl)(propan-2-yloxy)amino]-4-(hydroxyamino)-4-oxobutyl]amino}-4-oxobutyl)benzene-1,3-dicarboxamide"
8 water water
#
_entity_poly.entity_id   1
_entity_poly.type   'polypeptide(L)'
_entity_poly.pdbx_seq_one_letter_code
;GFQTFEGDLKWHHHNITYWIQNYSEDLPRAVIDDAFARAFALWSAVTPLTFTRVYSRDADIVIQFGVAEHGDGYPFDGKD
GLLAHAFPPGPGIQGDAHFDDDELWSLGKGVGYSLFLVAAHEFGHALGLDHSSVPEALMYPMYRFTEGPPLHKDDVNGIR
HLYG
;
_entity_poly.pdbx_strand_id   A,B
#
# COMPACT_ATOMS: atom_id res chain seq x y z
N GLY A 1 7.54 6.19 10.41
CA GLY A 1 8.37 4.97 10.59
C GLY A 1 7.56 3.69 10.44
N PHE A 2 7.53 2.90 11.50
CA PHE A 2 6.85 1.60 11.48
C PHE A 2 5.58 1.60 12.33
N GLN A 3 4.77 0.57 12.11
CA GLN A 3 3.55 0.40 12.87
C GLN A 3 3.33 -1.03 13.34
N THR A 4 2.59 -1.15 14.42
CA THR A 4 2.17 -2.43 14.97
C THR A 4 0.64 -2.42 15.06
N PHE A 5 0.07 -3.58 15.39
CA PHE A 5 -1.39 -3.70 15.47
C PHE A 5 -1.94 -3.27 16.82
N GLU A 6 -3.22 -2.93 16.83
CA GLU A 6 -3.92 -2.56 18.06
C GLU A 6 -3.78 -3.67 19.10
N GLY A 7 -3.26 -3.31 20.26
CA GLY A 7 -3.04 -4.28 21.32
C GLY A 7 -1.72 -5.01 21.25
N ASP A 8 -0.86 -4.61 20.31
CA ASP A 8 0.49 -5.17 20.15
C ASP A 8 0.51 -6.70 20.00
N LEU A 9 -0.15 -7.20 18.95
CA LEU A 9 -0.31 -8.64 18.76
C LEU A 9 0.99 -9.39 18.49
N LYS A 10 1.15 -10.52 19.16
CA LYS A 10 2.37 -11.32 19.07
C LYS A 10 2.11 -12.78 19.43
N TRP A 11 2.99 -13.66 18.95
CA TRP A 11 3.02 -15.04 19.38
C TRP A 11 3.57 -15.07 20.80
N HIS A 12 2.92 -15.83 21.68
CA HIS A 12 3.32 -15.84 23.09
C HIS A 12 4.13 -17.07 23.51
N HIS A 13 4.63 -17.80 22.52
CA HIS A 13 5.57 -18.90 22.71
C HIS A 13 6.64 -18.79 21.64
N HIS A 14 7.78 -19.45 21.83
CA HIS A 14 8.92 -19.25 20.93
C HIS A 14 9.14 -20.25 19.78
N ASN A 15 8.42 -21.37 19.80
CA ASN A 15 8.46 -22.31 18.68
C ASN A 15 7.29 -22.05 17.76
N ILE A 16 7.57 -21.56 16.56
CA ILE A 16 6.50 -21.32 15.62
C ILE A 16 6.58 -22.37 14.51
N THR A 17 5.45 -23.03 14.28
CA THR A 17 5.39 -24.13 13.35
C THR A 17 4.50 -23.76 12.17
N TYR A 18 4.99 -24.03 10.96
CA TYR A 18 4.23 -23.77 9.76
C TYR A 18 3.96 -25.02 8.94
N TRP A 19 2.73 -25.14 8.47
CA TRP A 19 2.34 -26.21 7.57
C TRP A 19 1.97 -25.59 6.24
N ILE A 20 2.61 -26.06 5.17
CA ILE A 20 2.27 -25.60 3.82
C ILE A 20 1.15 -26.46 3.26
N GLN A 21 -0.02 -25.85 3.09
CA GLN A 21 -1.21 -26.53 2.59
C GLN A 21 -1.07 -27.03 1.16
N ASN A 22 -0.63 -26.16 0.26
CA ASN A 22 -0.52 -26.53 -1.16
C ASN A 22 0.51 -25.70 -1.93
N TYR A 23 0.69 -26.06 -3.20
CA TYR A 23 1.70 -25.43 -4.06
C TYR A 23 1.10 -24.90 -5.35
N SER A 24 1.78 -23.91 -5.92
CA SER A 24 1.57 -23.53 -7.30
C SER A 24 2.40 -24.44 -8.20
N GLU A 25 1.93 -24.63 -9.42
CA GLU A 25 2.67 -25.42 -10.39
C GLU A 25 3.68 -24.51 -11.08
N ASP A 26 3.66 -23.24 -10.66
CA ASP A 26 4.60 -22.21 -11.13
C ASP A 26 6.03 -22.60 -10.82
N LEU A 27 6.25 -23.12 -9.62
CA LEU A 27 7.56 -23.51 -9.16
C LEU A 27 7.60 -24.98 -8.76
N PRO A 28 8.79 -25.59 -8.81
CA PRO A 28 8.99 -26.93 -8.28
C PRO A 28 8.85 -26.86 -6.77
N ARG A 29 8.24 -27.85 -6.12
N ARG A 29 8.34 -28.00 -6.22
CA ARG A 29 8.01 -27.74 -4.68
CA ARG A 29 8.05 -28.17 -4.80
C ARG A 29 9.28 -27.42 -3.91
C ARG A 29 9.19 -27.69 -3.91
N ALA A 30 10.41 -28.00 -4.34
CA ALA A 30 11.66 -27.76 -3.64
C ALA A 30 12.04 -26.28 -3.58
N VAL A 31 11.78 -25.57 -4.67
CA VAL A 31 12.06 -24.14 -4.73
C VAL A 31 11.15 -23.39 -3.77
N ILE A 32 9.87 -23.77 -3.78
CA ILE A 32 8.86 -23.17 -2.92
C ILE A 32 9.21 -23.40 -1.46
N ASP A 33 9.57 -24.65 -1.13
CA ASP A 33 9.97 -25.01 0.22
C ASP A 33 11.16 -24.16 0.68
N ASP A 34 12.13 -24.00 -0.21
CA ASP A 34 13.33 -23.20 0.05
C ASP A 34 13.00 -21.72 0.22
N ALA A 35 12.18 -21.19 -0.68
CA ALA A 35 11.83 -19.77 -0.66
C ALA A 35 11.23 -19.37 0.68
N PHE A 36 10.32 -20.20 1.17
CA PHE A 36 9.67 -19.99 2.46
C PHE A 36 10.64 -20.14 3.61
N ALA A 37 11.43 -21.22 3.59
CA ALA A 37 12.42 -21.48 4.64
C ALA A 37 13.38 -20.30 4.80
N ARG A 38 13.74 -19.69 3.67
CA ARG A 38 14.59 -18.50 3.66
C ARG A 38 13.90 -17.29 4.29
N ALA A 39 12.59 -17.17 4.06
CA ALA A 39 11.81 -16.04 4.56
C ALA A 39 11.68 -16.06 6.08
N PHE A 40 11.56 -17.25 6.65
CA PHE A 40 11.61 -17.43 8.11
C PHE A 40 13.02 -17.19 8.61
N ALA A 41 14.00 -17.62 7.81
CA ALA A 41 15.41 -17.51 8.17
C ALA A 41 15.84 -16.07 8.38
N LEU A 42 15.28 -15.16 7.57
CA LEU A 42 15.53 -13.74 7.72
C LEU A 42 14.96 -13.25 9.04
N TRP A 43 13.78 -13.77 9.38
CA TRP A 43 13.09 -13.43 10.62
C TRP A 43 13.70 -14.14 11.83
N SER A 44 14.26 -15.32 11.60
CA SER A 44 14.83 -16.16 12.66
C SER A 44 15.97 -15.48 13.40
N ALA A 45 16.84 -14.82 12.65
CA ALA A 45 18.04 -14.19 13.18
C ALA A 45 17.73 -13.09 14.18
N VAL A 46 16.66 -12.35 13.91
CA VAL A 46 16.34 -11.13 14.62
C VAL A 46 15.32 -11.34 15.74
N THR A 47 14.80 -12.55 15.85
CA THR A 47 13.74 -12.86 16.82
C THR A 47 14.07 -14.08 17.67
N PRO A 48 13.49 -14.15 18.87
CA PRO A 48 13.59 -15.34 19.71
C PRO A 48 12.83 -16.53 19.08
N LEU A 49 11.91 -16.24 18.17
CA LEU A 49 11.09 -17.25 17.50
C LEU A 49 11.92 -18.14 16.58
N THR A 50 11.66 -19.44 16.65
CA THR A 50 12.26 -20.40 15.72
C THR A 50 11.14 -20.94 14.86
N PHE A 51 11.47 -21.35 13.64
CA PHE A 51 10.45 -21.88 12.74
C PHE A 51 10.75 -23.29 12.27
N THR A 52 9.90 -24.21 12.71
CA THR A 52 10.00 -25.61 12.33
C THR A 52 8.87 -25.95 11.36
N ARG A 53 9.24 -26.55 10.24
CA ARG A 53 8.28 -27.05 9.28
C ARG A 53 7.59 -28.29 9.83
N VAL A 54 6.27 -28.24 9.89
CA VAL A 54 5.45 -29.36 10.35
C VAL A 54 4.47 -29.77 9.27
N TYR A 55 3.85 -30.93 9.44
CA TYR A 55 2.94 -31.45 8.46
C TYR A 55 1.57 -31.68 9.09
N SER A 56 1.18 -30.73 9.93
CA SER A 56 -0.09 -30.78 10.66
C SER A 56 -0.88 -29.49 10.51
N ARG A 57 -2.21 -29.64 10.53
CA ARG A 57 -3.15 -28.51 10.49
C ARG A 57 -3.10 -27.64 11.75
N ASP A 58 -2.69 -28.25 12.86
CA ASP A 58 -2.63 -27.56 14.15
C ASP A 58 -1.56 -26.48 14.21
N ALA A 59 -0.83 -26.33 13.10
CA ALA A 59 0.31 -25.41 13.00
C ALA A 59 -0.03 -23.95 13.23
N ASP A 60 0.93 -23.23 13.80
CA ASP A 60 0.79 -21.80 14.10
C ASP A 60 0.63 -20.97 12.83
N ILE A 61 1.43 -21.27 11.82
CA ILE A 61 1.33 -20.58 10.54
C ILE A 61 1.02 -21.58 9.42
N VAL A 62 -0.11 -21.37 8.75
CA VAL A 62 -0.50 -22.20 7.63
C VAL A 62 -0.41 -21.40 6.35
N ILE A 63 0.33 -21.91 5.38
CA ILE A 63 0.53 -21.24 4.10
C ILE A 63 -0.24 -21.97 3.01
N GLN A 64 -1.05 -21.22 2.27
CA GLN A 64 -1.80 -21.79 1.17
C GLN A 64 -1.76 -20.91 -0.08
N PHE A 65 -2.04 -21.51 -1.22
CA PHE A 65 -2.22 -20.79 -2.47
C PHE A 65 -3.69 -20.87 -2.87
N GLY A 66 -4.29 -19.71 -3.09
CA GLY A 66 -5.70 -19.64 -3.45
C GLY A 66 -5.95 -18.73 -4.63
N VAL A 67 -7.02 -19.03 -5.37
CA VAL A 67 -7.45 -18.19 -6.47
C VAL A 67 -8.81 -17.59 -6.13
N ALA A 68 -8.91 -16.27 -6.27
CA ALA A 68 -10.16 -15.55 -6.02
C ALA A 68 -10.72 -15.93 -4.65
N GLU A 69 -11.97 -16.38 -4.63
CA GLU A 69 -12.59 -16.89 -3.42
C GLU A 69 -11.82 -18.12 -2.95
N HIS A 70 -11.48 -18.12 -1.67
CA HIS A 70 -10.89 -19.28 -1.03
C HIS A 70 -11.30 -19.27 0.44
N GLY A 71 -10.52 -19.93 1.30
CA GLY A 71 -10.93 -20.23 2.66
C GLY A 71 -11.46 -19.14 3.58
N ASP A 72 -10.70 -18.07 3.76
CA ASP A 72 -10.95 -17.09 4.82
C ASP A 72 -12.07 -16.07 4.57
N GLY A 73 -12.77 -16.22 3.44
CA GLY A 73 -13.85 -15.30 3.09
C GLY A 73 -13.33 -14.01 2.48
N TYR A 74 -12.02 -13.96 2.26
CA TYR A 74 -11.39 -12.83 1.59
C TYR A 74 -10.92 -13.29 0.23
N PRO A 75 -11.51 -12.71 -0.83
CA PRO A 75 -11.19 -13.11 -2.19
C PRO A 75 -10.00 -12.36 -2.77
N PHE A 76 -9.21 -13.06 -3.57
CA PHE A 76 -8.15 -12.46 -4.35
C PHE A 76 -8.74 -11.87 -5.64
N ASP A 77 -7.97 -10.99 -6.29
CA ASP A 77 -8.47 -10.17 -7.38
C ASP A 77 -8.14 -10.63 -8.80
N GLY A 78 -7.48 -11.78 -8.93
CA GLY A 78 -7.00 -12.23 -10.22
C GLY A 78 -5.61 -11.67 -10.49
N LYS A 79 -5.23 -11.58 -11.76
CA LYS A 79 -3.89 -11.11 -12.12
C LYS A 79 -3.61 -9.71 -11.57
N ASP A 80 -2.47 -9.57 -10.93
CA ASP A 80 -2.00 -8.31 -10.35
C ASP A 80 -2.85 -7.86 -9.16
N GLY A 81 -2.77 -6.57 -8.83
CA GLY A 81 -3.45 -6.01 -7.67
C GLY A 81 -2.94 -6.70 -6.41
N LEU A 82 -3.86 -7.29 -5.66
CA LEU A 82 -3.49 -8.09 -4.49
C LEU A 82 -2.73 -9.33 -4.92
N LEU A 83 -1.60 -9.60 -4.27
CA LEU A 83 -0.84 -10.81 -4.52
C LEU A 83 -0.86 -11.75 -3.31
N ALA A 84 -0.93 -11.17 -2.13
CA ALA A 84 -0.92 -11.95 -0.89
C ALA A 84 -1.45 -11.17 0.31
N HIS A 85 -2.00 -11.89 1.29
CA HIS A 85 -2.39 -11.30 2.56
C HIS A 85 -2.05 -12.22 3.74
N ALA A 86 -1.97 -11.63 4.93
CA ALA A 86 -1.68 -12.39 6.13
C ALA A 86 -2.40 -11.82 7.33
N PHE A 87 -2.47 -12.58 8.41
CA PHE A 87 -3.19 -12.19 9.59
C PHE A 87 -2.24 -12.15 10.78
N PRO A 88 -2.42 -11.16 11.67
CA PRO A 88 -1.56 -10.99 12.84
C PRO A 88 -1.60 -12.23 13.72
N PRO A 89 -0.59 -12.44 14.57
CA PRO A 89 -0.49 -13.68 15.34
C PRO A 89 -1.72 -13.97 16.19
N GLY A 90 -2.05 -15.25 16.28
CA GLY A 90 -3.20 -15.70 17.07
C GLY A 90 -3.72 -17.04 16.58
N PRO A 91 -4.90 -17.45 17.08
CA PRO A 91 -5.51 -18.73 16.73
C PRO A 91 -6.17 -18.77 15.36
N GLY A 92 -6.28 -19.97 14.78
CA GLY A 92 -6.98 -20.17 13.52
C GLY A 92 -6.39 -19.43 12.34
N ILE A 93 -7.17 -18.49 11.82
CA ILE A 93 -6.78 -17.69 10.65
C ILE A 93 -5.59 -16.78 10.96
N GLN A 94 -5.45 -16.40 12.23
CA GLN A 94 -4.39 -15.50 12.65
C GLN A 94 -3.02 -16.15 12.51
N GLY A 95 -2.07 -15.39 11.97
CA GLY A 95 -0.72 -15.90 11.70
C GLY A 95 -0.59 -16.57 10.34
N ASP A 96 -1.72 -16.73 9.65
CA ASP A 96 -1.75 -17.44 8.38
C ASP A 96 -1.51 -16.52 7.18
N ALA A 97 -0.81 -17.04 6.19
CA ALA A 97 -0.45 -16.25 5.01
C ALA A 97 -0.89 -16.92 3.71
N HIS A 98 -1.59 -16.16 2.87
CA HIS A 98 -2.07 -16.68 1.60
C HIS A 98 -1.51 -15.91 0.41
N PHE A 99 -1.17 -16.65 -0.64
CA PHE A 99 -0.62 -16.08 -1.85
C PHE A 99 -1.58 -16.34 -2.99
N ASP A 100 -1.82 -15.32 -3.80
CA ASP A 100 -2.71 -15.44 -4.95
C ASP A 100 -1.97 -16.15 -6.07
N ASP A 101 -2.55 -17.26 -6.52
CA ASP A 101 -1.90 -18.10 -7.52
C ASP A 101 -2.03 -17.57 -8.94
N ASP A 102 -3.02 -16.69 -9.16
CA ASP A 102 -3.17 -16.00 -10.43
C ASP A 102 -1.91 -15.22 -10.75
N GLU A 103 -1.24 -14.77 -9.68
CA GLU A 103 0.06 -14.15 -9.78
C GLU A 103 1.07 -15.18 -10.23
N LEU A 104 2.03 -14.73 -11.04
CA LEU A 104 3.13 -15.59 -11.44
C LEU A 104 4.16 -15.59 -10.32
N TRP A 105 4.44 -16.78 -9.81
CA TRP A 105 5.38 -16.93 -8.71
C TRP A 105 6.72 -17.43 -9.20
N SER A 106 7.75 -16.67 -8.86
CA SER A 106 9.10 -16.93 -9.35
C SER A 106 10.11 -16.47 -8.31
N LEU A 107 11.37 -16.63 -8.64
CA LEU A 107 12.46 -16.09 -7.82
C LEU A 107 12.81 -14.72 -8.36
N GLY A 108 11.88 -14.14 -9.11
CA GLY A 108 12.02 -12.83 -9.71
C GLY A 108 12.92 -12.80 -10.93
N LYS A 109 13.92 -11.90 -10.90
CA LYS A 109 14.81 -11.68 -12.04
C LYS A 109 14.04 -11.10 -13.24
N GLY A 110 12.99 -10.35 -12.95
CA GLY A 110 12.17 -9.70 -13.98
C GLY A 110 11.13 -10.59 -14.62
N VAL A 111 11.02 -11.82 -14.12
CA VAL A 111 10.05 -12.78 -14.65
C VAL A 111 8.73 -12.74 -13.90
N GLY A 112 8.71 -12.09 -12.74
CA GLY A 112 7.50 -11.98 -11.91
C GLY A 112 7.77 -11.51 -10.50
N TYR A 113 6.91 -11.94 -9.57
CA TYR A 113 7.08 -11.63 -8.15
C TYR A 113 7.88 -12.73 -7.46
N SER A 114 8.89 -12.32 -6.71
CA SER A 114 9.75 -13.26 -5.98
C SER A 114 8.97 -13.89 -4.84
N LEU A 115 8.85 -15.21 -4.85
CA LEU A 115 8.09 -15.91 -3.82
C LEU A 115 8.65 -15.68 -2.43
N PHE A 116 9.97 -15.69 -2.31
CA PHE A 116 10.62 -15.35 -1.05
C PHE A 116 10.27 -13.93 -0.64
N LEU A 117 10.36 -13.00 -1.59
CA LEU A 117 10.16 -11.59 -1.30
C LEU A 117 8.74 -11.21 -0.88
N VAL A 118 7.75 -11.78 -1.55
CA VAL A 118 6.35 -11.59 -1.15
C VAL A 118 6.10 -12.27 0.20
N ALA A 119 6.74 -13.43 0.41
CA ALA A 119 6.58 -14.22 1.63
C ALA A 119 7.04 -13.50 2.89
N ALA A 120 8.18 -12.82 2.79
CA ALA A 120 8.77 -12.10 3.93
C ALA A 120 7.84 -11.03 4.47
N HIS A 121 7.23 -10.27 3.57
CA HIS A 121 6.31 -9.20 3.94
C HIS A 121 5.04 -9.78 4.58
N GLU A 122 4.57 -10.91 4.08
CA GLU A 122 3.43 -11.61 4.65
C GLU A 122 3.80 -12.28 5.97
N PHE A 123 5.01 -12.83 6.03
CA PHE A 123 5.54 -13.44 7.25
C PHE A 123 5.75 -12.39 8.32
N GLY A 124 6.11 -11.18 7.91
CA GLY A 124 6.27 -10.04 8.80
C GLY A 124 4.95 -9.66 9.47
N HIS A 125 3.89 -9.63 8.67
CA HIS A 125 2.54 -9.46 9.18
C HIS A 125 2.16 -10.58 10.14
N ALA A 126 2.58 -11.79 9.77
CA ALA A 126 2.28 -13.00 10.53
C ALA A 126 2.89 -12.96 11.92
N LEU A 127 3.96 -12.19 12.08
CA LEU A 127 4.60 -11.99 13.37
C LEU A 127 4.05 -10.75 14.09
N GLY A 128 3.16 -10.03 13.41
CA GLY A 128 2.51 -8.87 14.01
C GLY A 128 3.00 -7.52 13.51
N LEU A 129 3.87 -7.54 12.51
CA LEU A 129 4.34 -6.30 11.91
C LEU A 129 3.31 -5.73 10.94
N ASP A 130 2.94 -4.48 11.16
CA ASP A 130 2.10 -3.77 10.22
C ASP A 130 2.96 -3.00 9.23
N HIS A 131 2.30 -2.21 8.38
CA HIS A 131 2.99 -1.46 7.33
C HIS A 131 3.78 -0.26 7.83
N SER A 132 4.74 0.16 7.00
CA SER A 132 5.71 1.18 7.34
C SER A 132 5.64 2.43 6.47
N SER A 133 5.87 3.57 7.11
CA SER A 133 6.03 4.85 6.42
C SER A 133 7.34 4.93 5.64
N VAL A 134 8.36 4.22 6.11
CA VAL A 134 9.66 4.17 5.44
C VAL A 134 9.56 3.43 4.09
N PRO A 135 9.92 4.10 2.98
CA PRO A 135 9.79 3.55 1.63
C PRO A 135 10.85 2.51 1.25
N GLU A 136 11.85 2.33 2.10
CA GLU A 136 12.90 1.34 1.86
C GLU A 136 12.65 0.08 2.68
N ALA A 137 11.60 0.08 3.48
CA ALA A 137 11.30 -1.01 4.40
C ALA A 137 10.78 -2.25 3.67
N LEU A 138 10.91 -3.40 4.32
CA LEU A 138 10.29 -4.64 3.86
C LEU A 138 8.78 -4.59 4.07
N MET A 139 8.35 -3.90 5.12
CA MET A 139 6.93 -3.79 5.44
C MET A 139 6.21 -2.71 4.64
N TYR A 140 6.92 -2.08 3.71
CA TYR A 140 6.32 -1.10 2.82
C TYR A 140 5.32 -1.75 1.86
N PRO A 141 4.16 -1.11 1.67
CA PRO A 141 3.08 -1.50 0.76
C PRO A 141 3.52 -1.69 -0.70
N MET A 142 4.72 -1.24 -1.04
CA MET A 142 5.21 -1.33 -2.41
C MET A 142 6.26 -2.42 -2.57
N TYR A 143 6.02 -3.31 -3.52
CA TYR A 143 6.93 -4.39 -3.82
C TYR A 143 7.84 -4.04 -4.99
N ARG A 144 9.14 -4.24 -4.80
CA ARG A 144 10.10 -4.16 -5.89
C ARG A 144 11.09 -5.31 -5.78
N PHE A 145 11.59 -5.77 -6.93
CA PHE A 145 12.60 -6.83 -6.91
C PHE A 145 13.92 -6.34 -6.31
N THR A 146 14.62 -7.27 -5.68
CA THR A 146 15.61 -6.99 -4.64
C THR A 146 16.69 -5.95 -4.93
N GLU A 147 16.70 -4.93 -4.08
CA GLU A 147 17.89 -4.15 -3.79
C GLU A 147 18.33 -4.71 -2.45
N GLY A 148 17.82 -5.92 -2.21
CA GLY A 148 18.10 -6.70 -1.01
C GLY A 148 19.56 -7.05 -0.90
N PRO A 149 19.98 -7.60 0.25
CA PRO A 149 19.18 -8.21 1.33
C PRO A 149 18.00 -7.38 1.88
N PRO A 150 16.87 -8.07 2.13
CA PRO A 150 15.54 -7.50 2.41
C PRO A 150 15.39 -6.71 3.71
N LEU A 151 15.99 -7.18 4.81
CA LEU A 151 15.73 -6.59 6.13
C LEU A 151 16.22 -5.16 6.33
N HIS A 152 15.56 -4.45 7.23
CA HIS A 152 15.73 -3.02 7.44
C HIS A 152 15.68 -2.68 8.93
N LYS A 153 16.24 -1.54 9.31
CA LYS A 153 16.18 -1.07 10.69
C LYS A 153 14.74 -0.90 11.16
N ASP A 154 13.93 -0.24 10.33
CA ASP A 154 12.53 0.02 10.62
C ASP A 154 11.78 -1.29 10.85
N ASP A 155 12.03 -2.26 9.99
CA ASP A 155 11.45 -3.59 10.12
C ASP A 155 12.01 -4.31 11.34
N VAL A 156 13.31 -4.17 11.55
CA VAL A 156 13.99 -4.79 12.70
C VAL A 156 13.64 -4.10 14.02
N ASN A 157 13.53 -2.77 14.00
CA ASN A 157 13.01 -2.03 15.16
C ASN A 157 11.61 -2.48 15.50
N GLY A 158 10.81 -2.70 14.45
CA GLY A 158 9.46 -3.19 14.59
C GLY A 158 9.40 -4.54 15.27
N ILE A 159 10.29 -5.45 14.87
CA ILE A 159 10.31 -6.78 15.49
C ILE A 159 10.91 -6.81 16.89
N ARG A 160 11.93 -5.99 17.13
CA ARG A 160 12.57 -5.89 18.46
C ARG A 160 11.58 -5.38 19.51
N HIS A 161 10.70 -4.48 19.08
CA HIS A 161 9.64 -3.90 19.90
C HIS A 161 8.69 -4.96 20.46
N LEU A 162 8.31 -5.92 19.62
CA LEU A 162 7.35 -6.97 19.98
C LEU A 162 7.95 -8.14 20.76
N TYR A 163 9.11 -8.63 20.34
CA TYR A 163 9.66 -9.88 20.86
C TYR A 163 11.05 -9.69 21.45
N GLY A 164 11.94 -9.20 20.61
CA GLY A 164 13.35 -9.09 20.92
C GLY A 164 14.07 -9.27 19.60
N GLY B 1 -2.79 -0.18 11.47
CA GLY B 1 -2.35 1.06 10.77
C GLY B 1 -3.02 2.28 11.37
N PHE B 2 -2.56 3.46 10.97
CA PHE B 2 -3.13 4.68 11.53
C PHE B 2 -3.93 5.47 10.51
N GLN B 3 -5.12 5.89 10.95
CA GLN B 3 -6.14 6.38 10.05
C GLN B 3 -5.92 7.82 9.57
N THR B 4 -5.59 8.70 10.51
CA THR B 4 -5.26 10.09 10.18
C THR B 4 -3.81 10.33 10.59
N PHE B 5 -3.26 11.48 10.20
CA PHE B 5 -1.84 11.75 10.48
C PHE B 5 -1.52 12.06 11.92
N GLU B 6 -0.25 11.86 12.27
CA GLU B 6 0.27 12.15 13.60
C GLU B 6 0.20 13.66 13.81
N GLY B 7 -0.38 14.05 14.94
CA GLY B 7 -0.59 15.47 15.24
C GLY B 7 -1.88 16.02 14.67
N ASP B 8 -2.66 15.15 14.02
CA ASP B 8 -3.95 15.52 13.41
C ASP B 8 -3.84 16.71 12.45
N LEU B 9 -2.92 16.64 11.51
CA LEU B 9 -2.64 17.76 10.60
C LEU B 9 -3.79 18.03 9.62
N LYS B 10 -4.13 19.30 9.47
CA LYS B 10 -5.24 19.72 8.62
C LYS B 10 -5.07 21.15 8.14
N TRP B 11 -5.86 21.52 7.13
CA TRP B 11 -5.93 22.90 6.67
C TRP B 11 -6.65 23.75 7.71
N HIS B 12 -6.10 24.92 8.00
CA HIS B 12 -6.68 25.82 9.00
C HIS B 12 -7.36 27.05 8.40
N HIS B 13 -7.90 26.86 7.20
CA HIS B 13 -8.73 27.85 6.52
C HIS B 13 -9.62 27.10 5.54
N HIS B 14 -10.80 27.64 5.25
CA HIS B 14 -11.80 26.92 4.45
C HIS B 14 -11.71 27.09 2.93
N ASN B 15 -11.06 28.17 2.49
CA ASN B 15 -10.91 28.43 1.05
C ASN B 15 -9.58 27.91 0.53
N ILE B 16 -9.62 26.76 -0.14
CA ILE B 16 -8.40 26.11 -0.60
C ILE B 16 -8.12 26.38 -2.08
N THR B 17 -6.89 26.76 -2.37
CA THR B 17 -6.50 27.17 -3.71
C THR B 17 -5.46 26.21 -4.30
N TYR B 18 -5.68 25.82 -5.55
CA TYR B 18 -4.77 24.89 -6.22
C TYR B 18 -4.22 25.42 -7.54
N TRP B 19 -2.93 25.15 -7.77
CA TRP B 19 -2.26 25.49 -9.01
C TRP B 19 -1.81 24.22 -9.70
N ILE B 20 -2.19 24.07 -10.96
CA ILE B 20 -1.66 23.00 -11.80
C ILE B 20 -0.44 23.55 -12.51
N GLN B 21 0.72 23.08 -12.07
CA GLN B 21 2.01 23.58 -12.54
C GLN B 21 2.34 23.19 -13.98
N ASN B 22 2.07 21.94 -14.33
CA ASN B 22 2.33 21.42 -15.68
C ASN B 22 1.42 20.24 -16.04
N TYR B 23 1.50 19.79 -17.29
CA TYR B 23 0.64 18.72 -17.78
C TYR B 23 1.38 17.54 -18.42
N SER B 24 0.73 16.38 -18.37
CA SER B 24 1.15 15.19 -19.11
C SER B 24 0.63 15.30 -20.54
N GLU B 25 1.31 14.67 -21.48
CA GLU B 25 0.90 14.70 -22.87
C GLU B 25 -0.04 13.55 -23.18
N ASP B 26 -0.29 12.72 -22.18
CA ASP B 26 -1.19 11.57 -22.26
C ASP B 26 -2.63 12.00 -22.47
N LEU B 27 -3.04 13.02 -21.71
CA LEU B 27 -4.40 13.53 -21.79
C LEU B 27 -4.43 14.89 -22.48
N PRO B 28 -5.61 15.28 -23.00
CA PRO B 28 -5.84 16.65 -23.43
C PRO B 28 -6.01 17.56 -22.22
N ARG B 29 -5.18 18.59 -22.13
N ARG B 29 -5.11 18.54 -22.14
CA ARG B 29 -5.14 19.47 -20.95
CA ARG B 29 -5.09 19.59 -21.12
C ARG B 29 -6.51 19.67 -20.34
C ARG B 29 -6.43 19.87 -20.43
N ALA B 30 -7.53 19.79 -21.20
CA ALA B 30 -8.91 20.00 -20.76
C ALA B 30 -9.48 18.84 -19.96
N VAL B 31 -9.14 17.61 -20.34
CA VAL B 31 -9.55 16.41 -19.59
C VAL B 31 -8.86 16.43 -18.22
N ILE B 32 -7.60 16.83 -18.22
CA ILE B 32 -6.80 16.93 -17.01
C ILE B 32 -7.43 17.92 -16.04
N ASP B 33 -7.87 19.06 -16.57
CA ASP B 33 -8.55 20.08 -15.77
C ASP B 33 -9.85 19.56 -15.17
N ASP B 34 -10.61 18.81 -15.96
CA ASP B 34 -11.86 18.21 -15.52
C ASP B 34 -11.63 17.16 -14.44
N ALA B 35 -10.65 16.28 -14.67
CA ALA B 35 -10.35 15.19 -13.75
C ALA B 35 -9.95 15.69 -12.36
N PHE B 36 -9.07 16.69 -12.34
CA PHE B 36 -8.67 17.35 -11.10
C PHE B 36 -9.86 18.05 -10.45
N ALA B 37 -10.61 18.77 -11.27
CA ALA B 37 -11.81 19.49 -10.82
C ALA B 37 -12.85 18.55 -10.22
N ARG B 38 -12.98 17.36 -10.81
CA ARG B 38 -13.92 16.36 -10.32
C ARG B 38 -13.47 15.79 -8.97
N ALA B 39 -12.17 15.61 -8.82
CA ALA B 39 -11.60 15.01 -7.61
C ALA B 39 -11.78 15.92 -6.38
N PHE B 40 -11.65 17.23 -6.60
CA PHE B 40 -11.93 18.24 -5.59
C PHE B 40 -13.41 18.29 -5.26
N ALA B 41 -14.23 18.16 -6.31
CA ALA B 41 -15.68 18.19 -6.18
C ALA B 41 -16.15 17.07 -5.26
N LEU B 42 -15.42 15.96 -5.27
CA LEU B 42 -15.74 14.82 -4.42
C LEU B 42 -15.60 15.19 -2.95
N TRP B 43 -14.53 15.91 -2.64
CA TRP B 43 -14.26 16.40 -1.30
C TRP B 43 -15.08 17.62 -0.89
N SER B 44 -15.43 18.46 -1.87
CA SER B 44 -16.09 19.74 -1.62
C SER B 44 -17.47 19.59 -0.96
N ALA B 45 -18.20 18.56 -1.37
CA ALA B 45 -19.55 18.28 -0.88
C ALA B 45 -19.56 17.93 0.60
N VAL B 46 -18.55 17.17 1.00
CA VAL B 46 -18.51 16.54 2.30
C VAL B 46 -17.65 17.31 3.31
N THR B 47 -17.12 18.45 2.89
CA THR B 47 -16.30 19.31 3.75
C THR B 47 -16.69 20.78 3.64
N PRO B 48 -16.29 21.58 4.65
CA PRO B 48 -16.39 23.04 4.57
C PRO B 48 -15.46 23.62 3.50
N LEU B 49 -14.44 22.86 3.12
CA LEU B 49 -13.42 23.31 2.18
C LEU B 49 -13.95 23.55 0.78
N THR B 50 -13.51 24.65 0.19
CA THR B 50 -13.85 24.99 -1.19
C THR B 50 -12.53 25.01 -1.97
N PHE B 51 -12.58 24.61 -3.23
CA PHE B 51 -11.36 24.57 -4.03
C PHE B 51 -11.41 25.50 -5.24
N THR B 52 -10.66 26.58 -5.16
CA THR B 52 -10.61 27.60 -6.20
C THR B 52 -9.33 27.44 -7.00
N ARG B 53 -9.47 27.34 -8.31
CA ARG B 53 -8.32 27.18 -9.19
C ARG B 53 -7.59 28.50 -9.41
N VAL B 54 -6.30 28.49 -9.11
CA VAL B 54 -5.46 29.69 -9.22
C VAL B 54 -4.25 29.44 -10.12
N TYR B 55 -3.57 30.53 -10.49
CA TYR B 55 -2.45 30.47 -11.43
C TYR B 55 -1.17 30.99 -10.78
N SER B 56 -1.03 30.76 -9.48
CA SER B 56 0.11 31.23 -8.71
C SER B 56 0.77 30.10 -7.92
N ARG B 57 2.07 30.25 -7.66
CA ARG B 57 2.85 29.26 -6.92
C ARG B 57 2.54 29.28 -5.42
N ASP B 58 1.91 30.36 -4.98
CA ASP B 58 1.53 30.54 -3.57
C ASP B 58 0.42 29.59 -3.13
N ALA B 59 -0.10 28.82 -4.08
CA ALA B 59 -1.25 27.93 -3.86
C ALA B 59 -1.02 26.86 -2.80
N ASP B 60 -2.10 26.53 -2.09
CA ASP B 60 -2.10 25.51 -1.04
C ASP B 60 -1.81 24.13 -1.59
N ILE B 61 -2.38 23.83 -2.76
CA ILE B 61 -2.09 22.59 -3.46
C ILE B 61 -1.45 22.91 -4.80
N VAL B 62 -0.21 22.48 -4.97
CA VAL B 62 0.48 22.63 -6.24
C VAL B 62 0.58 21.24 -6.86
N ILE B 63 0.02 21.09 -8.05
CA ILE B 63 -0.03 19.80 -8.71
C ILE B 63 0.88 19.78 -9.94
N GLN B 64 1.79 18.81 -9.96
CA GLN B 64 2.71 18.66 -11.07
C GLN B 64 2.84 17.21 -11.50
N PHE B 65 3.28 17.03 -12.75
CA PHE B 65 3.62 15.72 -13.28
C PHE B 65 5.13 15.60 -13.36
N GLY B 66 5.67 14.54 -12.80
CA GLY B 66 7.11 14.37 -12.75
C GLY B 66 7.56 12.96 -13.09
N VAL B 67 8.72 12.88 -13.74
CA VAL B 67 9.38 11.60 -13.97
C VAL B 67 10.65 11.57 -13.15
N ALA B 68 10.91 10.42 -12.54
CA ALA B 68 12.16 10.17 -11.84
C ALA B 68 12.38 11.21 -10.76
N GLU B 69 13.59 11.76 -10.77
CA GLU B 69 13.96 12.77 -9.81
C GLU B 69 13.36 14.05 -10.29
N HIS B 70 12.51 14.64 -9.49
CA HIS B 70 11.90 15.90 -9.84
C HIS B 70 11.98 16.83 -8.66
N GLY B 71 10.83 17.29 -8.21
CA GLY B 71 10.74 18.30 -7.17
C GLY B 71 11.19 18.16 -5.72
N ASP B 72 10.88 17.06 -5.06
CA ASP B 72 10.98 17.03 -3.59
C ASP B 72 12.08 16.21 -2.88
N GLY B 73 13.01 15.65 -3.65
CA GLY B 73 14.03 14.80 -3.07
C GLY B 73 13.48 13.42 -2.86
N TYR B 74 12.24 13.25 -3.30
CA TYR B 74 11.61 11.95 -3.35
C TYR B 74 11.38 11.74 -4.83
N PRO B 75 11.73 10.60 -5.33
CA PRO B 75 11.46 10.40 -6.75
C PRO B 75 10.68 9.16 -7.10
N PHE B 76 10.04 9.23 -8.26
CA PHE B 76 9.31 8.12 -8.88
C PHE B 76 10.20 7.07 -9.54
N ASP B 77 9.65 5.88 -9.75
CA ASP B 77 10.40 4.74 -10.27
C ASP B 77 10.19 4.48 -11.76
N GLY B 78 9.53 5.40 -12.46
CA GLY B 78 9.17 5.19 -13.85
C GLY B 78 7.88 4.41 -13.99
N LYS B 79 7.83 3.47 -14.92
CA LYS B 79 6.64 2.67 -15.15
C LYS B 79 6.33 1.79 -13.95
N ASP B 80 5.05 1.80 -13.56
CA ASP B 80 4.55 0.99 -12.45
C ASP B 80 5.06 1.44 -11.09
N GLY B 81 4.87 0.59 -10.09
CA GLY B 81 5.23 0.89 -8.72
C GLY B 81 4.43 2.08 -8.20
N LEU B 82 5.14 3.09 -7.70
CA LEU B 82 4.51 4.33 -7.29
C LEU B 82 3.96 5.06 -8.50
N LEU B 83 2.72 5.56 -8.37
CA LEU B 83 2.09 6.33 -9.43
C LEU B 83 2.07 7.81 -9.05
N ALA B 84 1.86 8.07 -7.77
CA ALA B 84 1.76 9.42 -7.25
C ALA B 84 1.91 9.44 -5.74
N HIS B 85 2.42 10.55 -5.20
CA HIS B 85 2.41 10.78 -3.78
C HIS B 85 1.91 12.19 -3.47
N ALA B 86 1.39 12.39 -2.28
CA ALA B 86 0.90 13.70 -1.88
C ALA B 86 1.34 14.05 -0.48
N PHE B 87 1.37 15.35 -0.19
CA PHE B 87 1.81 15.82 1.10
C PHE B 87 0.63 16.31 1.92
N PRO B 88 0.62 15.98 3.23
CA PRO B 88 -0.44 16.38 4.15
C PRO B 88 -0.54 17.90 4.21
N PRO B 89 -1.65 18.43 4.75
CA PRO B 89 -1.83 19.88 4.78
C PRO B 89 -0.73 20.58 5.55
N GLY B 90 -0.21 21.66 4.96
CA GLY B 90 0.84 22.45 5.57
C GLY B 90 1.51 23.37 4.57
N PRO B 91 2.56 24.08 5.02
CA PRO B 91 3.32 25.01 4.20
C PRO B 91 4.25 24.34 3.20
N GLY B 92 4.53 25.05 2.10
CA GLY B 92 5.47 24.61 1.08
C GLY B 92 5.03 23.38 0.31
N ILE B 93 5.83 22.33 0.42
CA ILE B 93 5.60 21.06 -0.26
C ILE B 93 4.34 20.35 0.23
N GLN B 94 3.96 20.67 1.47
CA GLN B 94 2.80 20.06 2.12
C GLN B 94 1.48 20.47 1.49
N GLY B 95 0.58 19.51 1.33
CA GLY B 95 -0.69 19.73 0.63
C GLY B 95 -0.55 19.56 -0.86
N ASP B 96 0.66 19.21 -1.31
CA ASP B 96 1.00 19.17 -2.73
C ASP B 96 0.91 17.76 -3.29
N ALA B 97 0.31 17.65 -4.48
CA ALA B 97 0.10 16.35 -5.13
C ALA B 97 0.90 16.18 -6.42
N HIS B 98 1.67 15.11 -6.48
CA HIS B 98 2.53 14.84 -7.63
C HIS B 98 2.22 13.51 -8.30
N PHE B 99 2.18 13.54 -9.63
CA PHE B 99 1.85 12.36 -10.42
C PHE B 99 3.01 11.97 -11.32
N ASP B 100 3.23 10.68 -11.41
CA ASP B 100 4.32 10.12 -12.20
C ASP B 100 3.98 10.16 -13.68
N ASP B 101 4.76 10.92 -14.44
CA ASP B 101 4.54 11.04 -15.88
C ASP B 101 5.19 9.88 -16.65
N ASP B 102 5.95 9.05 -15.94
CA ASP B 102 6.43 7.79 -16.50
C ASP B 102 5.27 6.80 -16.64
N GLU B 103 4.26 6.96 -15.78
CA GLU B 103 3.01 6.22 -15.88
C GLU B 103 2.15 6.74 -17.02
N LEU B 104 1.32 5.87 -17.56
CA LEU B 104 0.33 6.27 -18.54
C LEU B 104 -0.88 6.85 -17.83
N TRP B 105 -1.31 8.02 -18.26
CA TRP B 105 -2.47 8.67 -17.66
C TRP B 105 -3.68 8.64 -18.57
N SER B 106 -4.75 8.08 -18.04
CA SER B 106 -5.93 7.77 -18.79
C SER B 106 -7.15 8.11 -17.95
N LEU B 107 -8.32 8.08 -18.57
CA LEU B 107 -9.57 8.20 -17.83
C LEU B 107 -9.94 6.82 -17.30
N GLY B 108 -9.04 5.88 -17.53
CA GLY B 108 -9.03 4.60 -16.84
C GLY B 108 -9.79 3.44 -17.45
N LYS B 109 -10.46 3.68 -18.57
CA LYS B 109 -11.26 2.62 -19.16
C LYS B 109 -10.45 1.54 -19.88
N GLY B 110 -9.58 0.90 -19.10
CA GLY B 110 -8.84 -0.28 -19.55
C GLY B 110 -7.43 -0.20 -20.14
N VAL B 111 -6.94 1.01 -20.39
CA VAL B 111 -5.62 1.17 -21.01
C VAL B 111 -4.59 2.03 -20.22
N GLY B 112 -4.88 2.16 -18.93
CA GLY B 112 -4.04 2.94 -18.02
C GLY B 112 -4.61 3.21 -16.63
N TYR B 113 -4.10 4.24 -15.98
CA TYR B 113 -4.62 4.67 -14.68
C TYR B 113 -5.51 5.88 -14.84
N SER B 114 -6.69 5.84 -14.23
CA SER B 114 -7.63 6.96 -14.28
C SER B 114 -7.12 8.10 -13.41
N LEU B 115 -6.70 9.18 -14.07
CA LEU B 115 -6.09 10.32 -13.39
C LEU B 115 -6.98 10.84 -12.28
N PHE B 116 -8.27 10.99 -12.58
CA PHE B 116 -9.24 11.42 -11.59
C PHE B 116 -9.27 10.48 -10.38
N LEU B 117 -9.30 9.18 -10.64
CA LEU B 117 -9.34 8.19 -9.55
C LEU B 117 -8.06 8.16 -8.71
N VAL B 118 -6.91 8.24 -9.38
CA VAL B 118 -5.64 8.40 -8.70
C VAL B 118 -5.56 9.78 -8.03
N ALA B 119 -6.13 10.79 -8.69
CA ALA B 119 -6.11 12.17 -8.19
C ALA B 119 -6.86 12.36 -6.89
N ALA B 120 -8.01 11.68 -6.75
CA ALA B 120 -8.85 11.80 -5.55
C ALA B 120 -8.14 11.28 -4.30
N HIS B 121 -7.47 10.14 -4.44
CA HIS B 121 -6.76 9.50 -3.34
C HIS B 121 -5.58 10.36 -2.86
N GLU B 122 -4.88 10.98 -3.80
CA GLU B 122 -3.78 11.90 -3.49
C GLU B 122 -4.28 13.18 -2.84
N PHE B 123 -5.44 13.64 -3.31
CA PHE B 123 -6.08 14.83 -2.77
C PHE B 123 -6.53 14.60 -1.33
N GLY B 124 -6.92 13.38 -1.03
CA GLY B 124 -7.26 12.98 0.34
C GLY B 124 -6.06 13.10 1.27
N HIS B 125 -4.90 12.71 0.77
CA HIS B 125 -3.63 12.95 1.46
C HIS B 125 -3.33 14.43 1.56
N ALA B 126 -3.64 15.15 0.48
CA ALA B 126 -3.46 16.60 0.42
C ALA B 126 -4.38 17.30 1.43
N LEU B 127 -5.43 16.59 1.86
CA LEU B 127 -6.32 17.09 2.90
C LEU B 127 -5.99 16.52 4.28
N GLY B 128 -5.05 15.57 4.32
CA GLY B 128 -4.58 15.02 5.58
C GLY B 128 -5.11 13.66 5.96
N LEU B 129 -5.91 13.06 5.09
CA LEU B 129 -6.35 11.69 5.28
C LEU B 129 -5.21 10.74 4.97
N ASP B 130 -4.96 9.82 5.89
CA ASP B 130 -3.98 8.78 5.67
C ASP B 130 -4.69 7.51 5.18
N HIS B 131 -3.92 6.44 4.99
CA HIS B 131 -4.47 5.19 4.49
C HIS B 131 -5.41 4.53 5.49
N SER B 132 -6.39 3.82 4.97
CA SER B 132 -7.36 3.17 5.84
C SER B 132 -7.39 1.66 5.65
N SER B 133 -7.80 0.98 6.72
CA SER B 133 -7.83 -0.47 6.80
C SER B 133 -8.93 -1.09 5.93
N VAL B 134 -9.95 -0.30 5.61
CA VAL B 134 -11.07 -0.74 4.79
C VAL B 134 -10.67 -0.77 3.31
N PRO B 135 -10.68 -1.97 2.69
CA PRO B 135 -10.24 -2.15 1.30
C PRO B 135 -11.16 -1.46 0.30
N GLU B 136 -12.45 -1.56 0.53
CA GLU B 136 -13.47 -0.95 -0.33
C GLU B 136 -13.38 0.58 -0.33
N ALA B 137 -12.68 1.12 0.66
CA ALA B 137 -12.49 2.56 0.79
C ALA B 137 -11.50 3.13 -0.24
N LEU B 138 -11.60 4.44 -0.45
CA LEU B 138 -10.75 5.16 -1.40
C LEU B 138 -9.31 5.35 -0.91
N MET B 139 -9.14 5.54 0.40
CA MET B 139 -7.81 5.75 0.98
C MET B 139 -7.01 4.47 1.08
N TYR B 140 -7.56 3.40 0.53
CA TYR B 140 -6.88 2.11 0.50
C TYR B 140 -5.66 2.15 -0.44
N PRO B 141 -4.51 1.70 0.05
CA PRO B 141 -3.26 1.59 -0.69
C PRO B 141 -3.32 0.78 -1.99
N MET B 142 -4.47 0.18 -2.30
CA MET B 142 -4.63 -0.56 -3.54
C MET B 142 -5.61 0.10 -4.50
N TYR B 143 -5.08 0.48 -5.66
CA TYR B 143 -5.83 1.13 -6.71
C TYR B 143 -6.71 0.15 -7.48
N ARG B 144 -7.93 0.59 -7.79
CA ARG B 144 -8.82 -0.17 -8.66
C ARG B 144 -9.61 0.80 -9.52
N PHE B 145 -9.86 0.42 -10.77
CA PHE B 145 -10.69 1.25 -11.65
C PHE B 145 -12.11 1.36 -11.09
N THR B 146 -12.80 2.42 -11.49
CA THR B 146 -14.01 2.90 -10.81
C THR B 146 -15.05 1.83 -10.52
N GLU B 147 -15.46 1.76 -9.26
CA GLU B 147 -16.68 1.08 -8.87
C GLU B 147 -17.63 2.15 -8.38
N GLY B 148 -18.85 2.14 -8.90
CA GLY B 148 -19.80 3.19 -8.61
C GLY B 148 -19.10 4.53 -8.64
N PRO B 149 -19.48 5.44 -7.72
CA PRO B 149 -18.67 6.60 -7.40
C PRO B 149 -17.69 6.26 -6.27
N PRO B 150 -16.60 7.04 -6.12
CA PRO B 150 -15.46 6.68 -5.28
C PRO B 150 -15.58 6.81 -3.75
N LEU B 151 -16.33 7.79 -3.25
CA LEU B 151 -16.37 8.05 -1.80
C LEU B 151 -17.00 6.94 -0.95
N HIS B 152 -16.49 6.79 0.28
CA HIS B 152 -16.82 5.68 1.17
C HIS B 152 -17.08 6.22 2.59
N LYS B 153 -17.78 5.44 3.41
CA LYS B 153 -18.05 5.81 4.81
C LYS B 153 -16.78 6.11 5.58
N ASP B 154 -15.79 5.22 5.45
CA ASP B 154 -14.51 5.33 6.14
C ASP B 154 -13.79 6.62 5.78
N ASP B 155 -13.83 6.96 4.49
CA ASP B 155 -13.20 8.17 3.97
C ASP B 155 -13.94 9.42 4.44
N VAL B 156 -15.27 9.38 4.39
CA VAL B 156 -16.11 10.49 4.84
C VAL B 156 -16.09 10.64 6.37
N ASN B 157 -15.99 9.51 7.07
CA ASN B 157 -15.72 9.53 8.51
C ASN B 157 -14.42 10.25 8.78
N GLY B 158 -13.42 9.95 7.98
CA GLY B 158 -12.10 10.53 8.11
C GLY B 158 -12.05 12.02 7.91
N ILE B 159 -12.73 12.52 6.89
CA ILE B 159 -12.73 13.95 6.60
C ILE B 159 -13.55 14.76 7.61
N ARG B 160 -14.60 14.14 8.15
CA ARG B 160 -15.44 14.78 9.17
C ARG B 160 -14.72 14.96 10.51
N HIS B 161 -13.84 13.99 10.82
CA HIS B 161 -13.01 14.04 12.02
C HIS B 161 -12.08 15.25 12.00
N LEU B 162 -11.58 15.59 10.82
CA LEU B 162 -10.67 16.73 10.64
C LEU B 162 -11.39 18.05 10.42
N TYR B 163 -12.39 18.05 9.54
CA TYR B 163 -13.00 19.28 9.05
C TYR B 163 -14.44 19.50 9.48
N GLY B 164 -14.81 20.73 9.79
CA GLY B 164 -13.90 21.87 9.67
C GLY B 164 -12.97 21.97 10.85
#